data_1TMB
#
_entry.id   1TMB
#
_cell.length_a   70.610
_cell.length_b   72.380
_cell.length_c   73.350
_cell.angle_alpha   90.00
_cell.angle_beta   101.10
_cell.angle_gamma   90.00
#
_symmetry.space_group_name_H-M   'C 1 2 1'
#
loop_
_entity.id
_entity.type
_entity.pdbx_description
1 polymer 'ALPHA-THROMBIN (SMALL SUBUNIT)'
2 polymer 'ALPHA-THROMBIN (LARGE SUBUNIT)'
3 polymer HIRUGEN
4 polymer 'cyclotheonamide A'
5 water water
#
loop_
_entity_poly.entity_id
_entity_poly.type
_entity_poly.pdbx_seq_one_letter_code
_entity_poly.pdbx_strand_id
1 'polypeptide(L)' TFGSGEADCGLRPLFEKKSLEDKTERELLESYIDGR L
2 'polypeptide(L)'
;IVEGSDAEIGMSPWQVMLFRKSPQELLCGASLISDRWVLTAAHCLLYPPWDKNFTENDLLVRIGKHSRTRYERNIEKISM
LEKIYIHPRYNWRENLDRDIALMKLKKPVAFSDYIHPVCLPDRETAASLLQAGYKGRVTGWGNLKETWTANVGKGQPSVL
QVVNLPIVERPVCKDSTRIRITDNMFCAGYKPDEGKRGDACEGDSGGPFVMKSPFNNRWYQMGIVSWGEGCDRDGKYGFY
THVFRLKKWIQKVIDQFGE
;
H
3 'polypeptide(L)' (ACE)NEDFEEIPEE(TYS)L I
4 'polypeptide(L)' (0MG)(DPN)(VLT)(0FL)P T
#
# COMPACT_ATOMS: atom_id res chain seq x y z
N GLY A 5 -2.34 -7.79 15.97
CA GLY A 5 -3.70 -7.27 15.98
C GLY A 5 -4.75 -7.66 14.98
N GLU A 6 -4.45 -8.19 13.81
CA GLU A 6 -5.48 -8.58 12.80
C GLU A 6 -6.64 -9.44 13.31
N ALA A 7 -7.73 -8.86 13.85
CA ALA A 7 -8.92 -9.60 14.37
C ALA A 7 -10.16 -8.70 14.51
N ASP A 8 -9.77 -7.45 14.71
CA ASP A 8 -10.62 -6.24 14.79
C ASP A 8 -10.23 -5.43 13.53
N CYS A 9 -9.48 -6.20 12.72
CA CYS A 9 -8.93 -5.78 11.43
C CYS A 9 -9.99 -5.11 10.54
N GLY A 10 -9.53 -4.09 9.83
CA GLY A 10 -10.28 -3.36 8.83
C GLY A 10 -11.49 -2.56 9.30
N LEU A 11 -11.73 -2.44 10.62
CA LEU A 11 -12.77 -1.60 11.17
C LEU A 11 -12.00 -0.40 11.78
N ARG A 12 -12.10 0.72 11.09
CA ARG A 12 -11.42 1.97 11.42
C ARG A 12 -12.07 2.62 12.62
N PRO A 13 -11.25 2.99 13.60
CA PRO A 13 -11.78 3.69 14.78
C PRO A 13 -12.62 4.92 14.48
N LEU A 14 -12.37 5.72 13.45
CA LEU A 14 -13.18 6.96 13.27
C LEU A 14 -14.30 6.87 12.21
N PHE A 15 -14.49 5.65 11.65
CA PHE A 15 -15.49 5.53 10.55
C PHE A 15 -16.38 4.37 10.96
N GLU A 16 -16.06 3.16 10.53
CA GLU A 16 -16.83 1.98 10.87
C GLU A 16 -17.30 1.87 12.32
N LYS A 17 -16.41 2.06 13.25
CA LYS A 17 -16.55 1.93 14.68
C LYS A 17 -17.58 2.94 15.20
N LYS A 18 -17.81 4.03 14.53
CA LYS A 18 -18.80 5.04 14.94
C LYS A 18 -19.96 5.02 13.93
N SER A 19 -19.81 4.11 13.00
CA SER A 19 -20.80 4.01 11.89
C SER A 19 -20.89 5.33 11.13
N LEU A 20 -19.72 5.97 10.87
CA LEU A 20 -19.65 7.16 10.03
C LEU A 20 -18.95 6.62 8.74
N GLU A 21 -19.28 7.14 7.60
CA GLU A 21 -18.73 6.82 6.30
C GLU A 21 -17.79 7.92 5.79
N ASP A 22 -16.78 7.46 5.02
CA ASP A 22 -15.87 8.48 4.45
C ASP A 22 -16.52 9.03 3.17
N LYS A 23 -15.95 10.15 2.73
CA LYS A 23 -16.51 10.89 1.61
C LYS A 23 -16.58 10.12 0.32
N THR A 24 -15.79 9.07 0.07
CA THR A 24 -15.97 8.48 -1.29
C THR A 24 -16.13 6.99 -1.19
N GLU A 25 -16.16 6.48 0.05
CA GLU A 25 -16.29 4.99 0.03
C GLU A 25 -17.55 4.57 -0.71
N ARG A 26 -18.60 5.40 -0.82
CA ARG A 26 -19.80 4.94 -1.54
C ARG A 26 -19.55 4.60 -3.00
N GLU A 27 -18.57 5.25 -3.64
CA GLU A 27 -18.20 4.99 -5.05
C GLU A 27 -17.69 3.57 -5.31
N LEU A 28 -16.98 2.99 -4.36
CA LEU A 28 -16.43 1.68 -4.26
C LEU A 28 -17.58 0.65 -4.13
N LEU A 29 -18.33 0.88 -3.03
CA LEU A 29 -19.45 -0.05 -2.77
C LEU A 29 -20.39 -0.03 -3.98
N GLU A 30 -20.55 1.11 -4.64
CA GLU A 30 -21.46 1.08 -5.82
C GLU A 30 -20.92 0.35 -6.99
N SER A 31 -19.60 0.10 -7.03
CA SER A 31 -19.05 -0.58 -8.21
C SER A 31 -19.19 -2.08 -8.08
N TYR A 32 -19.52 -2.52 -6.87
CA TYR A 32 -19.57 -3.98 -6.58
C TYR A 32 -20.99 -4.43 -6.92
N ILE A 33 -21.44 -3.82 -8.00
CA ILE A 33 -22.75 -3.91 -8.62
C ILE A 33 -23.91 -4.22 -7.63
N ILE B 1 0.58 9.82 -5.90
CA ILE B 1 -0.77 9.78 -6.45
C ILE B 1 -1.14 10.96 -7.39
N VAL B 2 -1.63 10.60 -8.59
CA VAL B 2 -2.09 11.55 -9.59
C VAL B 2 -3.61 11.60 -9.71
N GLU B 3 -4.15 12.81 -9.50
CA GLU B 3 -5.55 13.12 -9.56
C GLU B 3 -6.39 12.64 -8.38
N GLY B 4 -5.83 12.46 -7.21
CA GLY B 4 -6.44 12.04 -5.99
C GLY B 4 -6.80 13.29 -5.16
N SER B 5 -6.99 13.11 -3.85
CA SER B 5 -7.34 14.17 -2.89
C SER B 5 -6.68 13.77 -1.60
N ASP B 6 -6.79 14.76 -0.73
CA ASP B 6 -6.20 14.55 0.64
C ASP B 6 -7.18 13.55 1.31
N ALA B 7 -6.53 12.76 2.08
CA ALA B 7 -7.24 11.74 2.84
C ALA B 7 -7.84 12.55 4.03
N GLU B 8 -8.91 12.02 4.59
CA GLU B 8 -9.54 12.55 5.80
C GLU B 8 -8.67 11.98 6.93
N ILE B 9 -8.82 12.53 8.12
CA ILE B 9 -8.03 12.04 9.24
C ILE B 9 -8.59 10.66 9.61
N GLY B 10 -7.70 9.72 9.83
CA GLY B 10 -8.00 8.34 10.20
C GLY B 10 -8.71 7.61 9.06
N MET B 11 -8.62 8.06 7.83
CA MET B 11 -9.22 7.37 6.69
C MET B 11 -8.54 6.04 6.33
N SER B 12 -7.21 6.01 6.53
CA SER B 12 -6.32 4.86 6.20
C SER B 12 -5.26 4.69 7.31
N PRO B 13 -5.69 4.04 8.40
CA PRO B 13 -4.93 3.89 9.62
C PRO B 13 -3.91 2.73 9.66
N TRP B 14 -3.90 2.01 8.55
CA TRP B 14 -2.93 0.90 8.33
C TRP B 14 -1.75 1.48 7.47
N GLN B 15 -1.94 2.71 6.97
CA GLN B 15 -0.87 3.32 6.10
C GLN B 15 0.36 3.58 6.97
N VAL B 16 1.46 3.06 6.47
CA VAL B 16 2.80 3.19 7.07
C VAL B 16 3.76 3.94 6.15
N MET B 17 4.72 4.66 6.67
CA MET B 17 5.76 5.41 5.96
C MET B 17 7.12 4.69 6.18
N LEU B 18 7.77 4.31 5.11
CA LEU B 18 9.14 3.70 5.14
C LEU B 18 10.09 4.96 5.12
N PHE B 19 10.89 5.01 6.17
CA PHE B 19 11.73 6.19 6.40
C PHE B 19 13.19 5.88 6.67
N ARG B 20 13.92 6.62 5.86
CA ARG B 20 15.41 6.59 5.92
C ARG B 20 15.99 7.53 7.00
N LYS B 21 16.85 6.88 7.76
CA LYS B 21 17.64 7.44 8.87
C LYS B 21 18.61 8.56 8.50
N SER B 22 19.23 8.45 7.32
CA SER B 22 20.19 9.49 6.84
C SER B 22 20.65 9.20 5.41
N PRO B 23 20.32 10.00 4.44
CA PRO B 23 19.48 11.20 4.61
C PRO B 23 18.10 10.65 5.02
N GLN B 24 17.61 11.25 6.07
CA GLN B 24 16.29 11.06 6.68
C GLN B 24 15.41 11.32 5.41
N GLU B 25 14.62 10.34 5.05
CA GLU B 25 13.80 10.64 3.83
C GLU B 25 12.82 9.53 3.58
N LEU B 26 11.78 9.89 2.84
CA LEU B 26 10.71 9.00 2.47
C LEU B 26 11.28 8.01 1.43
N LEU B 27 11.13 6.73 1.83
CA LEU B 27 11.58 5.64 0.96
C LEU B 27 10.39 5.13 0.14
N CYS B 28 9.33 4.69 0.81
CA CYS B 28 8.15 4.10 0.21
C CYS B 28 7.01 4.07 1.24
N GLY B 29 5.89 3.53 0.76
CA GLY B 29 4.69 3.31 1.53
C GLY B 29 4.81 1.87 2.07
N ALA B 30 3.78 1.51 2.85
CA ALA B 30 3.72 0.11 3.41
C ALA B 30 2.40 0.02 4.22
N SER B 31 2.05 -1.14 4.83
CA SER B 31 0.84 -1.20 5.58
C SER B 31 0.93 -2.08 6.81
N LEU B 32 0.13 -1.67 7.82
CA LEU B 32 0.03 -2.35 9.11
C LEU B 32 -0.98 -3.52 8.98
N ILE B 33 -0.52 -4.76 9.19
CA ILE B 33 -1.36 -5.98 9.07
C ILE B 33 -1.61 -6.62 10.45
N SER B 34 -0.90 -6.17 11.46
CA SER B 34 -1.01 -6.57 12.86
C SER B 34 -0.12 -5.63 13.70
N ASP B 35 -0.01 -5.82 15.02
CA ASP B 35 0.77 -4.89 15.83
C ASP B 35 2.28 -5.09 15.76
N ARG B 36 2.73 -6.09 15.04
CA ARG B 36 4.17 -6.34 14.90
C ARG B 36 4.68 -6.38 13.46
N TRP B 37 3.80 -6.60 12.48
CA TRP B 37 4.13 -6.80 11.06
C TRP B 37 3.62 -5.72 10.09
N VAL B 38 4.50 -5.40 9.17
CA VAL B 38 4.37 -4.43 8.10
C VAL B 38 4.55 -5.18 6.78
N LEU B 39 3.72 -4.78 5.80
CA LEU B 39 3.70 -5.28 4.44
C LEU B 39 4.03 -4.15 3.43
N THR B 40 5.00 -4.46 2.61
CA THR B 40 5.49 -3.57 1.55
C THR B 40 5.96 -4.39 0.35
N ALA B 41 6.35 -3.60 -0.69
CA ALA B 41 6.91 -4.18 -1.95
C ALA B 41 8.36 -4.51 -1.68
N ALA B 42 8.88 -5.64 -2.13
CA ALA B 42 10.29 -6.07 -1.99
C ALA B 42 11.26 -5.08 -2.65
N HIS B 43 10.86 -4.43 -3.74
CA HIS B 43 11.77 -3.51 -4.44
C HIS B 43 12.07 -2.23 -3.66
N CYS B 44 11.33 -2.00 -2.58
CA CYS B 44 11.55 -0.83 -1.70
C CYS B 44 12.82 -1.08 -0.90
N LEU B 45 13.15 -2.35 -0.68
CA LEU B 45 14.35 -2.73 0.07
C LEU B 45 15.49 -3.26 -0.78
N LEU B 46 15.16 -3.97 -1.84
CA LEU B 46 16.19 -4.63 -2.66
C LEU B 46 15.95 -4.38 -4.13
N TYR B 47 16.77 -3.52 -4.70
CA TYR B 47 16.76 -3.18 -6.10
C TYR B 47 18.17 -2.85 -6.63
N PRO B 48 18.92 -3.94 -6.87
CA PRO B 48 20.31 -3.95 -7.35
C PRO B 48 20.71 -2.99 -8.44
N PRO B 49 19.88 -2.85 -9.46
CA PRO B 49 20.11 -1.89 -10.54
C PRO B 49 20.19 -0.45 -10.05
N TRP B 50 19.70 -0.19 -8.86
CA TRP B 50 19.78 1.20 -8.37
C TRP B 50 20.74 1.16 -7.18
N ASP B 51 21.42 0.03 -7.07
CA ASP B 51 22.30 -0.24 -5.94
C ASP B 51 21.47 -0.09 -4.64
N LYS B 52 20.28 -0.66 -4.65
CA LYS B 52 19.47 -0.57 -3.39
C LYS B 52 19.41 -1.93 -2.69
N ASN B 53 19.84 -1.94 -1.43
CA ASN B 53 19.82 -3.12 -0.58
C ASN B 53 19.77 -2.78 0.91
N PHE B 54 18.72 -2.12 1.38
CA PHE B 54 18.51 -1.76 2.79
C PHE B 54 18.44 -2.92 3.80
N THR B 55 19.02 -2.69 4.98
CA THR B 55 19.06 -3.57 6.13
C THR B 55 18.11 -3.01 7.22
N GLU B 56 17.77 -3.97 8.10
CA GLU B 56 16.91 -3.66 9.26
C GLU B 56 17.25 -2.30 9.86
N ASN B 57 18.54 -2.05 9.94
CA ASN B 57 19.20 -0.90 10.53
C ASN B 57 19.11 0.39 9.74
N ASP B 58 18.89 0.17 8.46
CA ASP B 58 18.87 1.36 7.56
C ASP B 58 17.62 2.17 7.75
N LEU B 59 16.62 1.57 8.42
CA LEU B 59 15.35 2.28 8.51
C LEU B 59 14.52 2.20 9.78
N LEU B 60 13.56 3.11 9.64
CA LEU B 60 12.44 3.38 10.53
C LEU B 60 11.09 3.28 9.76
N VAL B 61 10.12 2.92 10.55
CA VAL B 61 8.69 2.75 10.23
C VAL B 61 7.96 3.85 11.00
N ARG B 62 7.17 4.65 10.35
CA ARG B 62 6.34 5.73 10.80
C ARG B 62 4.84 5.38 10.56
N ILE B 63 4.17 5.22 11.73
CA ILE B 63 2.73 4.91 11.70
C ILE B 63 1.80 5.96 12.23
N GLY B 64 0.67 6.23 11.56
CA GLY B 64 -0.33 7.20 12.07
C GLY B 64 -0.18 8.56 11.47
N LYS B 65 0.58 8.62 10.35
CA LYS B 65 0.88 9.88 9.68
C LYS B 65 -0.20 10.42 8.77
N HIS B 66 -0.19 11.75 8.64
CA HIS B 66 -1.11 12.46 7.77
C HIS B 66 -0.16 13.32 6.89
N SER B 67 0.58 14.15 7.64
CA SER B 67 1.56 15.06 7.02
C SER B 67 2.75 14.20 6.52
N ARG B 68 3.12 14.53 5.29
CA ARG B 68 4.29 13.91 4.66
C ARG B 68 5.62 14.17 5.42
N THR B 69 5.88 15.42 5.68
CA THR B 69 7.00 16.13 6.26
C THR B 69 7.14 16.40 7.71
N ARG B 70 6.13 16.88 8.46
CA ARG B 70 6.14 17.08 9.88
C ARG B 70 6.23 15.76 10.69
N TYR B 71 6.85 15.95 11.87
CA TYR B 71 6.99 14.93 12.89
C TYR B 71 5.75 15.05 13.80
N GLU B 72 4.65 14.41 13.49
CA GLU B 72 3.35 14.42 14.17
C GLU B 72 3.34 14.07 15.63
N ARG B 73 3.96 15.02 16.36
CA ARG B 73 4.17 15.02 17.78
C ARG B 73 3.13 14.23 18.54
N ASN B 74 1.82 14.34 18.67
CA ASN B 74 1.27 13.26 19.62
C ASN B 74 0.49 12.11 18.99
N ILE B 75 0.45 12.02 17.69
CA ILE B 75 -0.19 11.11 16.78
C ILE B 75 0.64 9.92 16.28
N GLU B 76 1.72 10.20 15.54
CA GLU B 76 2.53 9.14 14.94
C GLU B 76 3.46 8.43 15.89
N LYS B 77 3.73 7.17 15.62
CA LYS B 77 4.67 6.30 16.33
C LYS B 77 5.73 5.80 15.35
N ILE B 78 6.98 5.84 15.85
CA ILE B 78 8.15 5.44 15.02
C ILE B 78 8.70 4.12 15.46
N SER B 79 8.95 3.16 14.57
CA SER B 79 9.46 1.87 15.09
C SER B 79 10.73 1.42 14.38
N MET B 80 11.30 0.42 15.02
CA MET B 80 12.57 -0.17 14.54
C MET B 80 12.28 -1.63 14.14
N LEU B 81 12.94 -2.00 13.04
CA LEU B 81 12.67 -3.36 12.53
C LEU B 81 13.49 -4.38 13.29
N GLU B 82 12.82 -5.50 13.53
CA GLU B 82 13.58 -6.58 14.17
C GLU B 82 14.23 -7.40 13.02
N LYS B 83 13.55 -7.34 11.88
CA LYS B 83 13.96 -8.15 10.72
C LYS B 83 13.13 -7.88 9.47
N ILE B 84 13.78 -8.24 8.37
CA ILE B 84 13.21 -8.11 7.01
C ILE B 84 13.18 -9.48 6.33
N TYR B 85 12.11 -9.79 5.67
CA TYR B 85 11.84 -10.99 4.90
C TYR B 85 11.26 -10.60 3.53
N ILE B 86 11.95 -11.03 2.49
CA ILE B 86 11.63 -10.83 1.08
C ILE B 86 11.19 -12.15 0.45
N HIS B 87 10.21 -12.12 -0.42
CA HIS B 87 9.82 -13.34 -1.14
C HIS B 87 11.11 -13.90 -1.73
N PRO B 88 11.38 -15.18 -1.46
CA PRO B 88 12.60 -15.80 -1.90
C PRO B 88 12.65 -15.85 -3.44
N ARG B 89 11.54 -15.90 -4.15
CA ARG B 89 11.47 -15.92 -5.60
C ARG B 89 11.07 -14.57 -6.25
N TYR B 90 11.21 -13.48 -5.52
CA TYR B 90 10.93 -12.11 -6.05
C TYR B 90 11.87 -11.83 -7.24
N ASN B 91 11.41 -11.36 -8.39
CA ASN B 91 12.23 -11.15 -9.59
C ASN B 91 12.65 -9.75 -9.92
N TRP B 92 13.82 -9.34 -9.48
CA TRP B 92 14.23 -7.93 -9.74
C TRP B 92 14.84 -7.85 -11.15
N ARG B 93 15.30 -9.03 -11.57
CA ARG B 93 15.92 -9.11 -12.88
C ARG B 93 14.97 -8.82 -14.02
N GLU B 94 13.77 -9.38 -14.09
CA GLU B 94 13.02 -9.03 -15.34
C GLU B 94 11.76 -8.26 -15.13
N ASN B 95 10.92 -8.45 -14.12
CA ASN B 95 9.69 -7.61 -14.11
C ASN B 95 9.05 -7.32 -12.76
N LEU B 96 9.75 -7.40 -11.66
CA LEU B 96 9.19 -7.21 -10.30
C LEU B 96 8.13 -8.26 -9.98
N ASP B 97 8.34 -9.49 -10.37
CA ASP B 97 7.43 -10.60 -10.11
C ASP B 97 7.68 -11.00 -8.65
N ARG B 98 6.57 -11.13 -7.92
CA ARG B 98 6.58 -11.48 -6.49
C ARG B 98 7.10 -10.28 -5.69
N ASP B 99 6.77 -9.10 -6.13
CA ASP B 99 7.20 -7.85 -5.46
C ASP B 99 6.56 -7.73 -4.04
N ILE B 100 7.10 -8.46 -3.04
CA ILE B 100 6.48 -8.49 -1.72
C ILE B 100 7.55 -8.74 -0.64
N ALA B 101 7.42 -8.11 0.52
CA ALA B 101 8.30 -8.21 1.67
C ALA B 101 7.43 -7.95 2.93
N LEU B 102 7.89 -8.55 4.03
CA LEU B 102 7.32 -8.44 5.40
C LEU B 102 8.39 -7.91 6.35
N MET B 103 7.96 -7.02 7.24
CA MET B 103 8.86 -6.45 8.27
C MET B 103 8.21 -6.63 9.65
N LYS B 104 9.06 -7.24 10.45
CA LYS B 104 8.67 -7.56 11.85
C LYS B 104 9.28 -6.44 12.69
N LEU B 105 8.33 -5.84 13.44
CA LEU B 105 8.77 -4.70 14.28
C LEU B 105 9.42 -5.19 15.58
N LYS B 106 10.38 -4.46 16.09
CA LYS B 106 11.09 -4.74 17.32
C LYS B 106 10.12 -4.91 18.51
N LYS B 107 9.14 -4.02 18.56
CA LYS B 107 8.10 -4.01 19.63
C LYS B 107 6.73 -3.77 18.99
N PRO B 108 5.76 -4.50 19.47
CA PRO B 108 4.39 -4.41 18.99
C PRO B 108 3.87 -3.00 19.26
N VAL B 109 3.27 -2.37 18.24
CA VAL B 109 2.68 -1.04 18.31
C VAL B 109 1.25 -1.15 18.91
N ALA B 110 0.90 -0.02 19.54
CA ALA B 110 -0.46 0.08 20.11
C ALA B 110 -1.28 0.95 19.13
N PHE B 111 -2.41 0.34 18.84
CA PHE B 111 -3.47 0.83 17.98
C PHE B 111 -4.12 2.07 18.65
N SER B 112 -4.80 2.81 17.77
CA SER B 112 -5.36 4.07 18.33
C SER B 112 -6.32 4.48 17.22
N ASP B 113 -6.87 5.65 17.36
CA ASP B 113 -7.83 6.17 16.38
C ASP B 113 -7.16 6.32 15.02
N TYR B 114 -5.86 6.52 15.06
CA TYR B 114 -5.04 6.81 13.88
C TYR B 114 -4.21 5.60 13.43
N ILE B 115 -4.17 4.59 14.28
CA ILE B 115 -3.45 3.35 14.14
C ILE B 115 -4.30 2.09 14.34
N HIS B 116 -4.41 1.42 13.14
CA HIS B 116 -5.25 0.21 13.07
C HIS B 116 -4.94 -0.58 11.83
N PRO B 117 -4.82 -1.91 11.96
CA PRO B 117 -4.48 -2.82 10.89
C PRO B 117 -5.56 -3.11 9.82
N VAL B 118 -5.04 -3.50 8.67
CA VAL B 118 -5.85 -3.89 7.53
C VAL B 118 -5.93 -5.43 7.64
N CYS B 119 -6.97 -6.02 7.11
CA CYS B 119 -7.20 -7.45 7.05
C CYS B 119 -6.54 -7.96 5.74
N LEU B 120 -6.20 -9.23 5.76
CA LEU B 120 -5.65 -9.89 4.54
C LEU B 120 -6.85 -10.66 3.99
N PRO B 121 -6.98 -10.81 2.68
CA PRO B 121 -8.11 -11.46 2.06
C PRO B 121 -8.06 -12.98 2.23
N ASP B 122 -9.29 -13.46 2.21
CA ASP B 122 -9.42 -14.94 2.20
C ASP B 122 -9.84 -15.23 0.74
N ARG B 123 -9.71 -16.54 0.47
CA ARG B 123 -10.03 -17.03 -0.86
C ARG B 123 -11.38 -16.60 -1.38
N GLU B 124 -12.35 -16.59 -0.47
CA GLU B 124 -13.73 -16.22 -0.86
C GLU B 124 -13.79 -14.73 -1.09
N THR B 125 -13.12 -13.98 -0.24
CA THR B 125 -13.17 -12.48 -0.37
C THR B 125 -12.52 -12.06 -1.67
N ALA B 126 -11.39 -12.65 -1.97
CA ALA B 126 -10.68 -12.33 -3.22
C ALA B 126 -11.50 -12.72 -4.44
N ALA B 127 -12.10 -13.89 -4.26
CA ALA B 127 -12.93 -14.57 -5.26
C ALA B 127 -13.96 -13.61 -5.84
N SER B 128 -14.62 -13.02 -4.84
CA SER B 128 -15.68 -12.10 -5.14
C SER B 128 -15.33 -10.66 -5.39
N LEU B 129 -14.23 -10.13 -4.89
CA LEU B 129 -13.98 -8.71 -5.15
C LEU B 129 -13.03 -8.47 -6.31
N LEU B 130 -12.13 -9.38 -6.56
CA LEU B 130 -11.16 -9.09 -7.68
C LEU B 130 -11.82 -9.32 -9.03
N GLN B 131 -12.62 -8.32 -9.40
CA GLN B 131 -13.38 -8.37 -10.66
C GLN B 131 -13.24 -7.06 -11.42
N ALA B 132 -13.05 -7.30 -12.72
CA ALA B 132 -12.83 -6.17 -13.65
C ALA B 132 -14.01 -5.26 -13.41
N GLY B 133 -13.76 -3.96 -13.32
CA GLY B 133 -14.88 -3.06 -13.03
C GLY B 133 -14.95 -2.56 -11.59
N TYR B 134 -14.70 -3.41 -10.63
CA TYR B 134 -14.69 -3.16 -9.19
C TYR B 134 -13.52 -2.23 -8.90
N LYS B 135 -13.88 -1.26 -8.04
CA LYS B 135 -12.92 -0.25 -7.64
C LYS B 135 -12.28 -0.66 -6.31
N GLY B 136 -11.07 -0.10 -6.21
CA GLY B 136 -10.23 -0.26 -5.02
C GLY B 136 -9.77 1.19 -4.84
N ARG B 137 -8.96 1.40 -3.80
CA ARG B 137 -8.40 2.61 -3.31
C ARG B 137 -6.92 2.39 -3.00
N VAL B 138 -6.22 3.45 -3.45
CA VAL B 138 -4.75 3.52 -3.22
C VAL B 138 -4.47 4.82 -2.44
N THR B 139 -3.52 4.75 -1.57
CA THR B 139 -3.05 5.92 -0.81
C THR B 139 -1.52 6.02 -0.79
N GLY B 140 -0.99 7.21 -0.72
CA GLY B 140 0.47 7.44 -0.69
C GLY B 140 0.78 8.95 -0.74
N TRP B 141 2.03 9.17 -0.40
CA TRP B 141 2.71 10.47 -0.30
C TRP B 141 3.59 10.75 -1.52
N GLY B 142 3.39 10.04 -2.61
CA GLY B 142 4.10 10.09 -3.85
C GLY B 142 3.80 11.21 -4.80
N ASN B 143 4.54 11.14 -5.89
CA ASN B 143 4.40 12.11 -6.97
C ASN B 143 2.90 12.25 -7.37
N LEU B 144 2.66 13.55 -7.43
CA LEU B 144 1.42 14.18 -7.81
C LEU B 144 1.42 14.29 -9.33
N LYS B 145 2.59 14.38 -9.91
CA LYS B 145 2.64 14.55 -11.38
C LYS B 145 3.80 13.67 -11.89
N GLU B 146 3.51 13.16 -13.08
CA GLU B 146 4.56 12.31 -13.69
C GLU B 146 5.90 13.07 -13.65
N THR B 147 5.92 14.31 -14.11
CA THR B 147 7.21 15.05 -14.09
C THR B 147 7.88 14.85 -12.74
N GLY B 155 4.15 18.46 -6.82
CA GLY B 155 5.17 17.39 -7.02
C GLY B 155 4.99 16.36 -5.91
N GLN B 156 5.17 16.86 -4.71
CA GLN B 156 4.98 16.05 -3.47
C GLN B 156 3.87 16.77 -2.73
N PRO B 157 2.97 15.96 -2.17
CA PRO B 157 1.79 16.60 -1.51
C PRO B 157 2.28 16.98 -0.10
N SER B 158 1.46 17.78 0.55
CA SER B 158 1.69 18.15 1.96
C SER B 158 0.99 17.03 2.77
N VAL B 159 -0.08 16.53 2.14
CA VAL B 159 -0.79 15.50 3.01
C VAL B 159 -0.98 14.21 2.21
N LEU B 160 -1.25 13.13 2.98
CA LEU B 160 -1.55 11.82 2.40
C LEU B 160 -2.67 11.96 1.37
N GLN B 161 -2.46 11.35 0.20
CA GLN B 161 -3.39 11.43 -0.95
C GLN B 161 -4.11 10.08 -1.15
N VAL B 162 -5.29 10.16 -1.75
CA VAL B 162 -6.10 8.96 -2.01
C VAL B 162 -6.73 8.91 -3.42
N VAL B 163 -6.89 7.71 -4.01
CA VAL B 163 -7.64 7.70 -5.30
C VAL B 163 -8.45 6.43 -5.35
N ASN B 164 -9.59 6.35 -5.99
CA ASN B 164 -10.40 5.14 -6.19
C ASN B 164 -10.19 4.71 -7.63
N LEU B 165 -9.82 3.49 -7.93
CA LEU B 165 -9.55 3.04 -9.32
C LEU B 165 -10.11 1.66 -9.61
N PRO B 166 -10.63 1.52 -10.81
CA PRO B 166 -11.28 0.25 -11.21
C PRO B 166 -10.28 -0.86 -11.56
N ILE B 167 -10.54 -2.11 -11.24
CA ILE B 167 -9.65 -3.24 -11.64
C ILE B 167 -9.95 -3.36 -13.17
N VAL B 168 -8.91 -3.70 -13.91
CA VAL B 168 -9.01 -3.86 -15.39
C VAL B 168 -8.74 -5.32 -15.76
N GLU B 169 -9.32 -5.78 -16.84
CA GLU B 169 -9.21 -7.12 -17.43
C GLU B 169 -7.74 -7.43 -17.80
N ARG B 170 -7.32 -8.64 -17.51
CA ARG B 170 -5.94 -9.09 -17.82
C ARG B 170 -5.51 -8.80 -19.27
N PRO B 171 -6.37 -9.07 -20.26
CA PRO B 171 -6.08 -8.84 -21.66
C PRO B 171 -5.61 -7.44 -21.96
N VAL B 172 -6.43 -6.51 -21.50
CA VAL B 172 -6.09 -5.08 -21.65
C VAL B 172 -4.79 -4.69 -20.91
N CYS B 173 -4.57 -5.35 -19.77
CA CYS B 173 -3.40 -5.06 -18.91
C CYS B 173 -2.15 -5.41 -19.73
N LYS B 174 -2.26 -6.64 -20.27
CA LYS B 174 -1.18 -7.26 -21.08
C LYS B 174 -0.93 -6.51 -22.38
N ASP B 175 -2.00 -6.06 -23.02
CA ASP B 175 -1.87 -5.31 -24.28
C ASP B 175 -1.38 -3.88 -24.19
N SER B 176 -1.24 -3.35 -23.00
CA SER B 176 -0.80 -1.95 -22.80
C SER B 176 0.71 -1.90 -22.65
N THR B 177 1.39 -3.03 -22.60
CA THR B 177 2.86 -2.87 -22.34
C THR B 177 3.65 -3.96 -23.03
N ARG B 178 4.93 -3.73 -23.11
CA ARG B 178 5.90 -4.65 -23.70
C ARG B 178 6.39 -5.72 -22.71
N ILE B 179 6.28 -5.37 -21.44
CA ILE B 179 6.71 -6.20 -20.28
C ILE B 179 5.82 -7.39 -20.02
N ARG B 180 6.42 -8.47 -19.62
CA ARG B 180 5.66 -9.71 -19.35
C ARG B 180 5.01 -9.69 -17.96
N ILE B 181 3.69 -9.65 -17.96
CA ILE B 181 2.78 -9.66 -16.78
C ILE B 181 2.58 -11.09 -16.30
N THR B 182 2.60 -11.38 -15.02
CA THR B 182 2.43 -12.76 -14.49
C THR B 182 1.14 -12.78 -13.66
N ASP B 183 0.73 -13.87 -13.11
CA ASP B 183 -0.44 -14.03 -12.26
C ASP B 183 -0.18 -13.42 -10.88
N ASN B 184 1.06 -13.00 -10.59
CA ASN B 184 1.30 -12.36 -9.27
C ASN B 184 1.09 -10.84 -9.44
N MET B 185 0.46 -10.47 -10.57
CA MET B 185 0.18 -9.02 -10.77
C MET B 185 -1.23 -8.80 -11.29
N PHE B 186 -1.80 -7.62 -10.97
CA PHE B 186 -3.09 -7.18 -11.50
C PHE B 186 -2.82 -5.68 -11.92
N CYS B 187 -3.65 -5.13 -12.83
CA CYS B 187 -3.47 -3.68 -13.18
C CYS B 187 -4.81 -2.99 -12.86
N ALA B 188 -4.78 -1.73 -12.60
CA ALA B 188 -5.91 -0.84 -12.29
C ALA B 188 -5.65 0.56 -12.90
N GLY B 189 -6.75 1.21 -13.26
CA GLY B 189 -6.95 2.50 -13.84
C GLY B 189 -8.16 2.50 -14.72
N TYR B 190 -8.47 3.72 -15.14
CA TYR B 190 -9.57 3.95 -16.11
C TYR B 190 -8.99 3.87 -17.55
N LYS B 191 -9.84 3.58 -18.47
CA LYS B 191 -9.72 3.51 -19.93
C LYS B 191 -9.87 4.94 -20.45
N PRO B 192 -9.06 5.28 -21.47
CA PRO B 192 -9.02 6.63 -22.02
C PRO B 192 -10.42 7.08 -22.37
N ASP B 193 -11.30 6.14 -22.67
CA ASP B 193 -12.67 6.59 -23.01
C ASP B 193 -13.44 6.82 -21.73
N GLU B 194 -13.19 6.12 -20.63
CA GLU B 194 -13.99 6.33 -19.41
C GLU B 194 -13.95 7.73 -18.81
N GLY B 195 -13.07 8.57 -19.32
CA GLY B 195 -12.96 9.94 -18.85
C GLY B 195 -12.88 10.25 -17.36
N LYS B 196 -12.03 9.45 -16.68
CA LYS B 196 -11.73 9.68 -15.23
C LYS B 196 -10.26 9.33 -15.19
N ARG B 197 -9.49 9.98 -14.39
CA ARG B 197 -8.03 9.84 -14.28
C ARG B 197 -7.59 9.40 -12.90
N GLY B 198 -6.27 9.30 -12.69
CA GLY B 198 -5.68 8.92 -11.45
C GLY B 198 -4.80 7.70 -11.53
N ASP B 199 -3.79 7.66 -10.66
CA ASP B 199 -2.86 6.54 -10.64
C ASP B 199 -1.92 6.78 -9.42
N ALA B 200 -1.16 5.74 -9.18
CA ALA B 200 -0.12 5.84 -8.12
C ALA B 200 0.98 6.54 -8.96
N CYS B 201 2.14 6.68 -8.40
CA CYS B 201 3.22 7.37 -9.12
C CYS B 201 4.44 7.09 -8.23
N GLU B 202 5.53 7.42 -8.84
CA GLU B 202 6.87 7.21 -8.18
C GLU B 202 6.79 7.77 -6.78
N GLY B 203 7.19 7.02 -5.78
CA GLY B 203 7.16 7.39 -4.36
C GLY B 203 6.03 6.80 -3.54
N ASP B 204 5.01 6.31 -4.23
CA ASP B 204 3.82 5.63 -3.76
C ASP B 204 4.13 4.14 -3.60
N SER B 205 5.20 3.60 -4.16
CA SER B 205 5.52 2.18 -4.00
C SER B 205 5.34 1.62 -2.58
N GLY B 206 4.92 0.33 -2.56
CA GLY B 206 4.79 -0.37 -1.27
C GLY B 206 3.49 -0.07 -0.54
N GLY B 207 2.76 0.90 -1.05
CA GLY B 207 1.46 1.25 -0.44
C GLY B 207 0.39 0.20 -0.84
N PRO B 208 -0.71 0.26 -0.05
CA PRO B 208 -1.84 -0.67 -0.17
C PRO B 208 -2.87 -0.29 -1.21
N PHE B 209 -3.45 -1.20 -1.92
CA PHE B 209 -4.60 -1.12 -2.86
C PHE B 209 -5.61 -1.99 -2.04
N VAL B 210 -6.61 -1.29 -1.47
CA VAL B 210 -7.55 -1.94 -0.53
C VAL B 210 -8.95 -1.85 -1.12
N MET B 211 -9.76 -2.77 -0.65
CA MET B 211 -11.18 -2.87 -1.01
C MET B 211 -11.95 -3.06 0.31
N LYS B 212 -13.14 -2.55 0.38
CA LYS B 212 -14.07 -2.67 1.49
C LYS B 212 -15.07 -3.80 1.25
N SER B 213 -15.04 -4.91 1.90
CA SER B 213 -16.09 -5.93 1.67
C SER B 213 -17.55 -5.42 1.96
N PRO B 214 -18.42 -5.74 0.98
CA PRO B 214 -19.85 -5.46 1.03
C PRO B 214 -20.57 -6.51 1.96
N PHE B 215 -19.94 -7.61 2.34
CA PHE B 215 -20.54 -8.67 3.16
C PHE B 215 -20.39 -8.47 4.66
N ASN B 216 -19.19 -7.98 4.99
CA ASN B 216 -18.88 -7.78 6.42
C ASN B 216 -18.39 -6.40 6.74
N ASN B 217 -18.44 -5.51 5.74
CA ASN B 217 -17.95 -4.16 5.71
C ASN B 217 -16.62 -3.84 6.41
N ARG B 218 -15.65 -4.72 6.21
CA ARG B 218 -14.27 -4.66 6.58
C ARG B 218 -13.40 -4.29 5.36
N TRP B 219 -12.31 -3.58 5.62
CA TRP B 219 -11.33 -3.15 4.62
C TRP B 219 -10.29 -4.27 4.47
N TYR B 220 -10.11 -4.67 3.21
CA TYR B 220 -9.16 -5.74 2.83
C TYR B 220 -8.07 -5.26 1.89
N GLN B 221 -6.87 -5.82 2.10
CA GLN B 221 -5.76 -5.34 1.22
C GLN B 221 -5.63 -6.33 0.05
N MET B 222 -5.75 -5.84 -1.18
CA MET B 222 -5.69 -6.75 -2.33
C MET B 222 -4.42 -6.64 -3.14
N GLY B 223 -3.81 -5.45 -3.19
CA GLY B 223 -2.57 -5.30 -3.97
C GLY B 223 -1.63 -4.38 -3.15
N ILE B 224 -0.41 -4.40 -3.70
CA ILE B 224 0.67 -3.53 -3.19
C ILE B 224 1.11 -2.73 -4.42
N VAL B 225 1.34 -1.44 -4.27
CA VAL B 225 1.78 -0.58 -5.38
C VAL B 225 3.16 -1.10 -5.87
N SER B 226 3.19 -1.57 -7.14
CA SER B 226 4.45 -2.13 -7.68
C SER B 226 5.23 -1.32 -8.72
N TRP B 227 4.70 -1.18 -9.93
CA TRP B 227 5.43 -0.42 -11.00
C TRP B 227 4.46 0.15 -11.96
N GLY B 228 4.92 0.93 -12.90
CA GLY B 228 3.99 1.54 -13.93
C GLY B 228 4.90 2.17 -14.99
N GLU B 229 4.30 2.77 -16.00
CA GLU B 229 4.97 3.44 -17.14
C GLU B 229 4.50 4.87 -17.24
N GLY B 230 5.34 5.73 -16.57
CA GLY B 230 4.89 7.17 -16.42
C GLY B 230 3.75 7.06 -15.36
N CYS B 231 2.99 8.07 -15.12
CA CYS B 231 1.90 8.16 -14.16
C CYS B 231 0.74 8.85 -14.91
N ASP B 232 -0.41 8.28 -14.78
CA ASP B 232 -1.70 8.74 -15.37
C ASP B 232 -1.69 8.95 -16.89
N ARG B 233 -1.01 8.12 -17.67
CA ARG B 233 -0.92 8.29 -19.14
C ARG B 233 -2.09 7.54 -19.75
N ASP B 234 -2.73 8.01 -20.80
CA ASP B 234 -3.84 7.24 -21.39
C ASP B 234 -3.31 5.90 -21.95
N GLY B 235 -4.12 4.86 -21.85
CA GLY B 235 -3.69 3.56 -22.38
C GLY B 235 -2.62 2.90 -21.50
N LYS B 236 -2.34 3.50 -20.36
CA LYS B 236 -1.37 2.90 -19.42
C LYS B 236 -2.08 2.61 -18.07
N TYR B 237 -1.56 1.59 -17.34
CA TYR B 237 -2.20 1.17 -16.09
C TYR B 237 -1.23 0.88 -14.97
N GLY B 238 -1.69 1.12 -13.75
CA GLY B 238 -0.80 0.79 -12.62
C GLY B 238 -0.87 -0.75 -12.39
N PHE B 239 0.33 -1.23 -12.02
CA PHE B 239 0.50 -2.67 -11.71
C PHE B 239 0.80 -2.78 -10.19
N TYR B 240 0.20 -3.77 -9.59
CA TYR B 240 0.22 -4.15 -8.19
C TYR B 240 0.47 -5.62 -7.98
N THR B 241 1.12 -5.92 -6.84
CA THR B 241 1.39 -7.34 -6.41
C THR B 241 0.06 -7.89 -5.88
N HIS B 242 -0.34 -8.99 -6.49
CA HIS B 242 -1.60 -9.72 -6.17
C HIS B 242 -1.46 -10.41 -4.81
N VAL B 243 -1.81 -9.68 -3.76
CA VAL B 243 -1.65 -10.11 -2.37
C VAL B 243 -2.25 -11.49 -2.09
N PHE B 244 -3.48 -11.76 -2.56
CA PHE B 244 -4.01 -13.09 -2.24
C PHE B 244 -3.15 -14.25 -2.76
N ARG B 245 -2.54 -14.12 -3.93
CA ARG B 245 -1.74 -15.21 -4.48
C ARG B 245 -0.47 -15.49 -3.66
N LEU B 246 0.03 -14.45 -3.00
CA LEU B 246 1.29 -14.62 -2.24
C LEU B 246 1.00 -14.86 -0.78
N LYS B 247 -0.27 -15.08 -0.41
CA LYS B 247 -0.73 -15.30 0.93
C LYS B 247 -0.12 -16.47 1.71
N LYS B 248 -0.01 -17.60 1.03
CA LYS B 248 0.50 -18.87 1.62
C LYS B 248 1.93 -18.60 2.02
N TRP B 249 2.68 -17.77 1.26
CA TRP B 249 4.03 -17.41 1.68
C TRP B 249 3.98 -16.54 2.96
N ILE B 250 3.02 -15.59 3.00
CA ILE B 250 2.92 -14.66 4.17
C ILE B 250 2.59 -15.35 5.50
N GLN B 251 1.62 -16.25 5.36
CA GLN B 251 1.08 -17.05 6.49
C GLN B 251 2.32 -17.64 7.17
N LYS B 252 2.95 -18.43 6.33
CA LYS B 252 4.16 -19.19 6.48
C LYS B 252 5.18 -18.47 7.34
N VAL B 253 5.71 -17.33 6.86
CA VAL B 253 6.70 -16.59 7.61
C VAL B 253 6.25 -16.06 8.96
N ILE B 254 4.97 -15.79 9.10
CA ILE B 254 4.45 -15.23 10.36
C ILE B 254 4.40 -16.30 11.44
N ASP B 255 4.05 -17.47 10.98
CA ASP B 255 3.90 -18.74 11.71
C ASP B 255 5.27 -19.28 12.09
N GLN B 256 6.31 -18.97 11.34
CA GLN B 256 7.67 -19.39 11.61
C GLN B 256 8.43 -18.33 12.43
N PHE B 257 8.16 -17.05 12.19
CA PHE B 257 8.98 -16.03 12.87
C PHE B 257 8.37 -15.07 13.84
N GLY B 258 7.21 -15.36 14.45
CA GLY B 258 6.69 -14.40 15.41
C GLY B 258 5.50 -14.74 16.27
N GLU B 259 4.67 -13.72 16.35
CA GLU B 259 3.41 -13.35 16.91
C GLU B 259 2.63 -14.22 17.89
N ASP C 4 12.67 18.11 2.88
CA ASP C 4 11.95 19.29 3.47
C ASP C 4 11.23 18.75 4.72
N PHE C 5 11.80 17.64 5.12
CA PHE C 5 11.41 16.83 6.24
C PHE C 5 11.87 17.46 7.57
N GLU C 6 10.90 17.64 8.45
CA GLU C 6 11.07 18.10 9.83
C GLU C 6 11.79 17.00 10.62
N GLU C 7 12.66 17.44 11.51
CA GLU C 7 13.49 16.59 12.37
C GLU C 7 12.70 15.71 13.34
N ILE C 8 13.15 14.48 13.40
CA ILE C 8 12.56 13.49 14.30
C ILE C 8 13.42 13.36 15.56
N PRO C 9 12.75 13.05 16.68
CA PRO C 9 13.40 12.86 17.97
C PRO C 9 14.57 11.89 17.97
N GLU C 10 15.67 12.52 18.40
CA GLU C 10 16.98 11.88 18.52
C GLU C 10 16.78 10.44 18.99
N GLU C 11 15.87 10.31 19.92
CA GLU C 11 15.55 9.01 20.54
C GLU C 11 15.19 7.95 19.54
N LEU C 13 16.59 7.71 16.12
CA LEU C 13 17.81 7.49 15.32
C LEU C 13 18.72 6.45 15.96
N PRO D 5 9.81 0.86 -11.25
CA PRO D 5 9.35 0.56 -9.87
C PRO D 5 8.85 1.90 -9.31
#